data_4E0P
#
_entry.id   4E0P
#
_cell.length_a   117.583
_cell.length_b   119.693
_cell.length_c   62.944
_cell.angle_alpha   90.00
_cell.angle_beta   113.94
_cell.angle_gamma   90.00
#
_symmetry.space_group_name_H-M   'C 1 2 1'
#
loop_
_entity.id
_entity.type
_entity.pdbx_description
1 polymer Protelomerase
2 polymer "DNA (5'-D(*CP*AP*TP*AP*AP*TP*AP*AP*CP*AP*AP*TP*AP*T)-3')"
3 polymer "DNA (5'-D(*CP*AP*TP*GP*AP*TP*AP*TP*TP*GP*TP*TP*AP*TP*TP*AP*TP*G)-3')"
4 non-polymer 1,2-ETHANEDIOL
5 non-polymer "THYMIDINE-5'-PHOSPHATE"
6 water water
#
loop_
_entity_poly.entity_id
_entity_poly.type
_entity_poly.pdbx_seq_one_letter_code
_entity_poly.pdbx_strand_id
1 'polypeptide(L)'
;MGSSHHHHHHSSGLVPRGSHMLAAKRKTKTPVLVERIDQFVGQIKEAMKSDDASRNRKIRDLWDAEVRYHFDNGRTEKTL
ELYIMKYRNALKAEFGPKSTPLAICNMKKLRERLNTYIARGDYPKTGVATSIVEKIERAEFNTAGRKPTVLLRIADFIAA
MNGMDAKQDMQALWDAEIAIMNGRAQTTIISYITKYRNAIREAFGDDHPMLKIATGDAAMYDEARRVKMEKIANKHGALI
TFENYRQVLKICEDCLKSSDPLMIGIGLIGMTGRRPYEVFTQAEFSPAPYGKGVSKWSILFNGQAKTKQGEGTKFGITYE
IPVLTRSETVLAAYKRLRESGQGKLWHGMSIDDFSSETRLLLRDTVFNLFEDVWPKEELPKPYGLRHLYAEVAYHNFAPP
HVTKNSYFAAILGHNNNDLETSLS(PTR)MTYTLPEDRDNALARLKRTNERTLQQMATIAPVSRKG
;
A
2 'polydeoxyribonucleotide' (DC)(DA)(DT)(DA)(DA)(DT)(DA)(DA)(DC)(DA)(DA)(DT)(DA)(DT) C
3 'polydeoxyribonucleotide' (DC)(DA)(DT)(DG)(DA)(DT)(DA)(DT)(DT)(DG)(DT)(DT)(DA)(DT)(DT)(DA)(DT)(DG) D
#
loop_
_chem_comp.id
_chem_comp.type
_chem_comp.name
_chem_comp.formula
DA DNA linking 2'-DEOXYADENOSINE-5'-MONOPHOSPHATE 'C10 H14 N5 O6 P'
DC DNA linking 2'-DEOXYCYTIDINE-5'-MONOPHOSPHATE 'C9 H14 N3 O7 P'
DG DNA linking 2'-DEOXYGUANOSINE-5'-MONOPHOSPHATE 'C10 H14 N5 O7 P'
DT DNA linking THYMIDINE-5'-MONOPHOSPHATE 'C10 H15 N2 O8 P'
EDO non-polymer 1,2-ETHANEDIOL 'C2 H6 O2'
TMP non-polymer THYMIDINE-5'-PHOSPHATE 'C10 H15 N2 O8 P'
#
# COMPACT_ATOMS: atom_id res chain seq x y z
N TYR A 123 -31.17 -3.67 -14.89
CA TYR A 123 -29.88 -2.98 -14.81
C TYR A 123 -29.83 -1.82 -15.82
N PRO A 124 -28.92 -0.85 -15.62
CA PRO A 124 -28.86 0.33 -16.51
C PRO A 124 -27.96 0.14 -17.74
N LYS A 125 -28.35 0.76 -18.85
CA LYS A 125 -27.65 0.63 -20.14
C LYS A 125 -26.85 1.88 -20.51
N THR A 126 -27.02 2.94 -19.72
CA THR A 126 -26.28 4.16 -19.95
C THR A 126 -25.47 4.51 -18.70
N GLY A 127 -24.47 5.37 -18.85
CA GLY A 127 -23.68 5.80 -17.71
C GLY A 127 -22.34 6.36 -18.10
N VAL A 128 -21.55 6.74 -17.10
CA VAL A 128 -20.27 7.39 -17.34
C VAL A 128 -19.34 7.18 -16.15
N ALA A 129 -18.08 6.84 -16.42
CA ALA A 129 -17.08 6.70 -15.36
C ALA A 129 -16.42 8.07 -15.21
N THR A 130 -17.10 8.93 -14.46
CA THR A 130 -16.67 10.29 -14.22
C THR A 130 -15.17 10.43 -13.98
N SER A 131 -14.66 9.79 -12.93
CA SER A 131 -13.24 9.85 -12.56
C SER A 131 -12.26 9.70 -13.73
N ILE A 132 -12.58 8.80 -14.66
CA ILE A 132 -11.73 8.63 -15.83
C ILE A 132 -11.81 9.85 -16.74
N VAL A 133 -13.02 10.28 -17.07
CA VAL A 133 -13.20 11.40 -17.98
C VAL A 133 -12.48 12.63 -17.40
N GLU A 134 -12.76 12.96 -16.14
CA GLU A 134 -12.10 14.07 -15.46
C GLU A 134 -10.59 13.95 -15.54
N LYS A 135 -10.05 12.78 -15.18
CA LYS A 135 -8.60 12.56 -15.34
C LYS A 135 -8.17 12.95 -16.76
N ILE A 136 -8.98 12.61 -17.75
CA ILE A 136 -8.60 12.90 -19.14
C ILE A 136 -8.75 14.38 -19.50
N GLU A 137 -9.64 15.08 -18.80
CA GLU A 137 -9.91 16.48 -19.07
C GLU A 137 -8.81 17.32 -18.43
N ARG A 138 -8.50 17.06 -17.17
CA ARG A 138 -7.21 17.47 -16.69
C ARG A 138 -6.23 16.80 -17.65
N ALA A 139 -5.07 17.41 -17.86
CA ALA A 139 -4.14 16.88 -18.87
C ALA A 139 -4.61 17.02 -20.32
N GLU A 140 -5.74 17.68 -20.54
CA GLU A 140 -6.02 18.19 -21.88
C GLU A 140 -4.96 19.25 -22.10
N PHE A 141 -4.70 20.00 -21.04
CA PHE A 141 -3.64 20.99 -21.01
C PHE A 141 -2.51 20.50 -20.14
N ASN A 142 -1.49 19.92 -20.77
CA ASN A 142 -0.35 19.38 -20.02
C ASN A 142 0.97 19.84 -20.64
N THR A 143 1.84 20.39 -19.80
CA THR A 143 3.15 20.89 -20.22
C THR A 143 3.98 19.84 -20.94
N ALA A 144 3.84 18.60 -20.46
CA ALA A 144 4.59 17.46 -20.99
C ALA A 144 3.99 16.13 -20.51
N GLY A 145 4.68 15.05 -20.80
CA GLY A 145 4.27 13.74 -20.35
C GLY A 145 3.62 12.93 -21.45
N ARG A 146 3.59 11.62 -21.28
CA ARG A 146 3.01 10.75 -22.30
C ARG A 146 1.47 10.86 -22.36
N LYS A 147 0.91 10.47 -23.49
CA LYS A 147 -0.54 10.56 -23.72
C LYS A 147 -1.25 9.52 -22.86
N PRO A 148 -2.43 9.88 -22.32
CA PRO A 148 -3.24 8.94 -21.54
C PRO A 148 -3.91 7.92 -22.45
N THR A 149 -3.12 7.17 -23.19
CA THR A 149 -3.70 6.23 -24.14
C THR A 149 -4.62 5.20 -23.46
N VAL A 150 -4.14 4.55 -22.40
CA VAL A 150 -4.96 3.53 -21.73
C VAL A 150 -6.27 4.10 -21.18
N LEU A 151 -6.18 5.21 -20.45
CA LEU A 151 -7.38 5.87 -19.95
C LEU A 151 -8.33 6.20 -21.11
N LEU A 152 -7.75 6.52 -22.27
CA LEU A 152 -8.57 6.81 -23.46
C LEU A 152 -9.31 5.57 -23.92
N ARG A 153 -8.60 4.45 -23.98
CA ARG A 153 -9.17 3.17 -24.36
C ARG A 153 -10.32 2.78 -23.45
N ILE A 154 -10.10 2.95 -22.15
CA ILE A 154 -11.13 2.70 -21.15
C ILE A 154 -12.33 3.58 -21.45
N ALA A 155 -12.05 4.86 -21.65
CA ALA A 155 -13.06 5.87 -21.98
C ALA A 155 -13.99 5.48 -23.16
N ASP A 156 -13.36 5.13 -24.28
CA ASP A 156 -14.09 4.71 -25.46
C ASP A 156 -14.81 3.37 -25.25
N PHE A 157 -14.22 2.50 -24.43
CA PHE A 157 -14.87 1.25 -24.10
C PHE A 157 -16.20 1.51 -23.42
N ILE A 158 -16.15 2.25 -22.32
CA ILE A 158 -17.34 2.59 -21.55
C ILE A 158 -18.33 3.35 -22.46
N ALA A 159 -17.83 4.13 -23.40
CA ALA A 159 -18.72 4.84 -24.30
C ALA A 159 -19.48 3.85 -25.20
N ALA A 160 -18.74 2.88 -25.75
CA ALA A 160 -19.31 1.90 -26.68
C ALA A 160 -20.35 1.05 -25.98
N MET A 161 -20.11 0.79 -24.70
CA MET A 161 -21.10 0.09 -23.87
C MET A 161 -22.43 0.82 -23.74
N ASN A 162 -22.46 2.12 -24.03
CA ASN A 162 -23.70 2.86 -23.87
C ASN A 162 -24.74 2.39 -24.89
N GLY A 163 -25.80 1.80 -24.39
CA GLY A 163 -26.82 1.21 -25.23
C GLY A 163 -26.52 -0.21 -25.71
N MET A 164 -25.79 -1.01 -24.94
CA MET A 164 -25.60 -2.42 -25.31
C MET A 164 -26.51 -3.30 -24.49
N ASP A 165 -27.26 -4.17 -25.15
CA ASP A 165 -28.17 -5.09 -24.46
C ASP A 165 -27.81 -6.56 -24.67
N ALA A 166 -26.93 -6.82 -25.64
CA ALA A 166 -26.63 -8.19 -26.06
C ALA A 166 -25.28 -8.66 -25.54
N LYS A 167 -25.27 -9.81 -24.90
CA LYS A 167 -24.06 -10.29 -24.27
C LYS A 167 -22.95 -10.64 -25.26
N GLN A 168 -23.31 -11.03 -26.48
CA GLN A 168 -22.29 -11.36 -27.47
C GLN A 168 -21.58 -10.10 -27.91
N ASP A 169 -22.34 -9.01 -27.99
CA ASP A 169 -21.79 -7.70 -28.31
C ASP A 169 -20.73 -7.31 -27.26
N MET A 170 -21.17 -7.26 -25.99
CA MET A 170 -20.25 -7.02 -24.86
C MET A 170 -19.00 -7.91 -24.96
N GLN A 171 -19.22 -9.20 -25.21
CA GLN A 171 -18.11 -10.16 -25.28
C GLN A 171 -17.10 -9.75 -26.38
N ALA A 172 -17.63 -9.31 -27.51
CA ALA A 172 -16.78 -8.88 -28.62
C ALA A 172 -15.94 -7.64 -28.25
N LEU A 173 -16.61 -6.63 -27.73
CA LEU A 173 -15.93 -5.42 -27.25
C LEU A 173 -14.74 -5.77 -26.33
N TRP A 174 -15.05 -6.51 -25.27
CA TRP A 174 -14.03 -6.87 -24.26
C TRP A 174 -12.90 -7.64 -24.93
N ASP A 175 -13.27 -8.57 -25.80
CA ASP A 175 -12.27 -9.31 -26.54
C ASP A 175 -11.32 -8.39 -27.28
N ALA A 176 -11.85 -7.34 -27.92
CA ALA A 176 -10.96 -6.39 -28.58
C ALA A 176 -10.00 -5.73 -27.58
N GLU A 177 -10.54 -5.33 -26.43
CA GLU A 177 -9.65 -4.75 -25.40
C GLU A 177 -8.50 -5.68 -24.97
N ILE A 178 -8.85 -6.91 -24.62
CA ILE A 178 -7.87 -7.92 -24.24
C ILE A 178 -6.84 -8.10 -25.36
N ALA A 179 -7.31 -8.06 -26.58
CA ALA A 179 -6.42 -8.21 -27.73
C ALA A 179 -5.40 -7.09 -27.70
N ILE A 180 -5.85 -5.87 -27.41
CA ILE A 180 -4.90 -4.76 -27.32
C ILE A 180 -3.87 -5.01 -26.22
N MET A 181 -4.34 -5.42 -25.04
CA MET A 181 -3.42 -5.65 -23.91
C MET A 181 -2.28 -6.63 -24.13
N ASN A 182 -2.47 -7.56 -25.06
CA ASN A 182 -1.50 -8.63 -25.27
C ASN A 182 -0.09 -8.11 -25.54
N GLY A 183 0.90 -8.81 -25.01
CA GLY A 183 2.27 -8.35 -25.11
C GLY A 183 2.67 -7.69 -23.80
N ARG A 184 1.74 -6.93 -23.22
CA ARG A 184 1.99 -6.33 -21.91
C ARG A 184 2.13 -7.43 -20.84
N ALA A 185 2.80 -7.12 -19.73
CA ALA A 185 3.08 -8.10 -18.67
C ALA A 185 1.82 -8.62 -17.94
N GLN A 186 1.91 -9.80 -17.32
CA GLN A 186 0.75 -10.44 -16.68
C GLN A 186 0.20 -9.61 -15.52
N THR A 187 1.11 -9.12 -14.67
CA THR A 187 0.73 -8.26 -13.57
C THR A 187 0.11 -6.98 -14.10
N THR A 188 0.64 -6.51 -15.24
CA THR A 188 0.10 -5.34 -15.89
C THR A 188 -1.33 -5.60 -16.32
N ILE A 189 -1.55 -6.69 -17.04
CA ILE A 189 -2.90 -7.06 -17.47
C ILE A 189 -3.88 -7.20 -16.28
N ILE A 190 -3.44 -7.80 -15.20
CA ILE A 190 -4.36 -7.99 -14.09
C ILE A 190 -4.76 -6.60 -13.52
N SER A 191 -3.77 -5.71 -13.45
CA SER A 191 -4.02 -4.36 -12.95
CA SER A 191 -4.00 -4.35 -12.95
C SER A 191 -4.95 -3.55 -13.86
N TYR A 192 -4.68 -3.62 -15.17
CA TYR A 192 -5.52 -2.96 -16.18
C TYR A 192 -6.97 -3.47 -16.13
N ILE A 193 -7.14 -4.80 -16.13
CA ILE A 193 -8.45 -5.40 -15.92
C ILE A 193 -9.15 -4.84 -14.67
N THR A 194 -8.42 -4.68 -13.57
CA THR A 194 -9.03 -3.97 -12.44
C THR A 194 -9.53 -2.58 -12.80
N LYS A 195 -8.77 -1.92 -13.66
CA LYS A 195 -9.12 -0.52 -13.94
C LYS A 195 -10.41 -0.49 -14.74
N TYR A 196 -10.48 -1.33 -15.77
CA TYR A 196 -11.71 -1.46 -16.57
C TYR A 196 -12.91 -1.86 -15.70
N ARG A 197 -12.73 -2.88 -14.87
CA ARG A 197 -13.81 -3.36 -14.03
C ARG A 197 -14.33 -2.27 -13.08
N ASN A 198 -13.40 -1.48 -12.53
CA ASN A 198 -13.77 -0.35 -11.69
C ASN A 198 -14.52 0.76 -12.47
N ALA A 199 -14.09 1.00 -13.73
CA ALA A 199 -14.83 1.90 -14.62
C ALA A 199 -16.28 1.46 -14.85
N ILE A 200 -16.43 0.22 -15.32
CA ILE A 200 -17.73 -0.40 -15.53
C ILE A 200 -18.61 -0.22 -14.29
N ARG A 201 -18.05 -0.56 -13.14
CA ARG A 201 -18.76 -0.39 -11.88
C ARG A 201 -19.17 1.06 -11.63
N GLU A 202 -18.30 2.00 -11.97
CA GLU A 202 -18.61 3.40 -11.64
C GLU A 202 -19.72 3.91 -12.55
N ALA A 203 -19.63 3.59 -13.84
CA ALA A 203 -20.61 4.06 -14.82
C ALA A 203 -21.95 3.40 -14.60
N PHE A 204 -21.93 2.07 -14.55
CA PHE A 204 -23.14 1.26 -14.70
C PHE A 204 -23.61 0.52 -13.44
N GLY A 205 -22.78 0.46 -12.41
CA GLY A 205 -23.20 -0.18 -11.17
C GLY A 205 -22.83 -1.65 -11.03
N ASP A 206 -23.08 -2.20 -9.84
CA ASP A 206 -22.63 -3.55 -9.50
C ASP A 206 -23.38 -4.65 -10.23
N ASP A 207 -24.59 -4.36 -10.70
CA ASP A 207 -25.49 -5.38 -11.23
C ASP A 207 -25.37 -5.56 -12.74
N HIS A 208 -24.32 -5.04 -13.35
CA HIS A 208 -24.26 -5.01 -14.80
C HIS A 208 -23.57 -6.25 -15.39
N PRO A 209 -24.23 -6.92 -16.34
CA PRO A 209 -23.75 -8.17 -16.96
C PRO A 209 -22.35 -8.08 -17.58
N MET A 210 -21.83 -6.88 -17.81
CA MET A 210 -20.46 -6.76 -18.32
C MET A 210 -19.42 -7.21 -17.26
N LEU A 211 -19.80 -7.15 -15.98
CA LEU A 211 -18.88 -7.55 -14.91
C LEU A 211 -18.67 -9.08 -14.92
N LYS A 212 -19.56 -9.82 -15.57
CA LYS A 212 -19.41 -11.27 -15.64
C LYS A 212 -18.51 -11.64 -16.81
N ILE A 213 -18.29 -10.67 -17.70
CA ILE A 213 -17.61 -10.88 -18.96
C ILE A 213 -16.21 -10.30 -18.97
N ALA A 214 -16.08 -9.10 -18.44
CA ALA A 214 -14.81 -8.37 -18.44
C ALA A 214 -13.93 -8.84 -17.29
N THR A 215 -13.23 -9.95 -17.48
CA THR A 215 -12.28 -10.37 -16.49
C THR A 215 -11.17 -11.26 -17.03
N GLY A 216 -10.15 -11.47 -16.20
CA GLY A 216 -9.03 -12.32 -16.58
C GLY A 216 -9.43 -13.80 -16.62
N ASP A 217 -8.73 -14.55 -17.46
CA ASP A 217 -8.83 -16.00 -17.45
C ASP A 217 -8.45 -16.48 -16.06
N ALA A 218 -9.04 -17.57 -15.62
CA ALA A 218 -8.77 -18.04 -14.26
C ALA A 218 -7.34 -18.54 -14.17
N ALA A 219 -6.85 -19.10 -15.26
CA ALA A 219 -5.48 -19.57 -15.35
C ALA A 219 -4.46 -18.46 -15.12
N MET A 220 -4.77 -17.26 -15.60
CA MET A 220 -3.90 -16.10 -15.38
C MET A 220 -3.75 -15.80 -13.90
N TYR A 221 -4.88 -15.66 -13.20
CA TYR A 221 -4.84 -15.35 -11.77
C TYR A 221 -4.10 -16.46 -11.01
N ASP A 222 -4.43 -17.72 -11.35
CA ASP A 222 -3.78 -18.88 -10.73
C ASP A 222 -2.26 -18.79 -10.88
N GLU A 223 -1.81 -18.42 -12.08
CA GLU A 223 -0.38 -18.33 -12.30
C GLU A 223 0.21 -17.19 -11.49
N ALA A 224 -0.49 -16.06 -11.40
CA ALA A 224 -0.02 -14.99 -10.51
C ALA A 224 0.22 -15.55 -9.10
N ARG A 225 -0.76 -16.29 -8.59
CA ARG A 225 -0.65 -16.85 -7.26
C ARG A 225 0.58 -17.73 -7.15
N ARG A 226 0.81 -18.56 -8.14
CA ARG A 226 1.98 -19.44 -8.07
C ARG A 226 3.29 -18.67 -8.05
N VAL A 227 3.38 -17.67 -8.93
CA VAL A 227 4.59 -16.87 -9.04
C VAL A 227 4.90 -16.22 -7.70
N LYS A 228 3.89 -15.57 -7.14
CA LYS A 228 4.06 -14.91 -5.86
C LYS A 228 4.44 -15.88 -4.75
N MET A 229 3.77 -17.03 -4.64
CA MET A 229 4.14 -17.94 -3.57
CA MET A 229 4.13 -17.99 -3.60
C MET A 229 5.58 -18.40 -3.73
N GLU A 230 6.01 -18.58 -4.99
CA GLU A 230 7.39 -18.97 -5.23
C GLU A 230 8.39 -17.91 -4.79
N LYS A 231 8.15 -16.66 -5.18
CA LYS A 231 8.99 -15.59 -4.63
C LYS A 231 9.02 -15.58 -3.10
N ILE A 232 7.85 -15.72 -2.43
CA ILE A 232 7.85 -15.65 -0.96
C ILE A 232 8.65 -16.83 -0.33
N ALA A 233 8.32 -18.05 -0.73
CA ALA A 233 9.07 -19.24 -0.31
C ALA A 233 10.57 -19.01 -0.51
N ASN A 234 10.94 -18.43 -1.65
CA ASN A 234 12.33 -18.07 -1.83
C ASN A 234 12.84 -17.07 -0.78
N LYS A 235 12.05 -16.03 -0.46
CA LYS A 235 12.51 -15.04 0.51
C LYS A 235 12.73 -15.65 1.89
N HIS A 236 11.77 -16.48 2.32
CA HIS A 236 11.84 -17.14 3.63
C HIS A 236 13.03 -18.06 3.79
N GLY A 237 13.63 -18.50 2.70
CA GLY A 237 14.76 -19.40 2.80
C GLY A 237 16.05 -18.62 2.72
N ALA A 238 15.95 -17.32 2.47
CA ALA A 238 17.15 -16.47 2.41
C ALA A 238 16.84 -15.06 2.92
N LEU A 239 16.52 -14.97 4.20
CA LEU A 239 16.35 -13.69 4.84
C LEU A 239 17.59 -12.83 4.65
N ILE A 240 17.38 -11.51 4.59
CA ILE A 240 18.48 -10.56 4.38
C ILE A 240 18.92 -9.98 5.72
N THR A 241 20.19 -10.12 6.07
CA THR A 241 20.58 -9.58 7.37
C THR A 241 20.70 -8.07 7.34
N PHE A 242 19.81 -7.42 8.07
CA PHE A 242 19.76 -5.98 8.10
C PHE A 242 20.83 -5.50 9.06
N GLU A 243 22.10 -5.49 8.61
CA GLU A 243 23.22 -5.15 9.49
C GLU A 243 23.02 -3.83 10.21
N ASN A 244 22.69 -2.78 9.46
CA ASN A 244 22.67 -1.46 10.04
C ASN A 244 21.30 -0.96 10.43
N TYR A 245 20.39 -1.83 10.82
CA TYR A 245 19.04 -1.33 11.07
C TYR A 245 18.97 -0.24 12.14
N ARG A 246 19.91 -0.23 13.06
CA ARG A 246 19.90 0.74 14.15
C ARG A 246 20.06 2.16 13.60
N GLN A 247 21.02 2.30 12.69
CA GLN A 247 21.19 3.55 11.98
C GLN A 247 19.91 3.99 11.25
N VAL A 248 19.27 3.05 10.55
CA VAL A 248 18.09 3.34 9.76
C VAL A 248 17.01 3.89 10.67
N LEU A 249 16.78 3.18 11.76
CA LEU A 249 15.81 3.64 12.72
C LEU A 249 16.15 5.05 13.26
N LYS A 250 17.42 5.32 13.58
CA LYS A 250 17.73 6.66 14.12
C LYS A 250 17.47 7.74 13.10
N ILE A 251 17.86 7.49 11.86
CA ILE A 251 17.56 8.37 10.74
C ILE A 251 16.08 8.70 10.68
N CYS A 252 15.25 7.69 10.84
CA CYS A 252 13.80 7.94 10.91
C CYS A 252 13.41 8.83 12.06
N GLU A 253 14.04 8.56 13.20
CA GLU A 253 13.72 9.30 14.40
C GLU A 253 14.01 10.76 14.17
N ASP A 254 15.21 11.05 13.68
CA ASP A 254 15.63 12.41 13.39
C ASP A 254 14.69 13.02 12.36
N CYS A 255 14.25 12.22 11.40
CA CYS A 255 13.36 12.72 10.37
C CYS A 255 12.14 13.28 11.03
N LEU A 256 11.68 12.60 12.08
CA LEU A 256 10.54 13.15 12.84
C LEU A 256 10.65 14.61 13.27
N LYS A 257 11.87 15.13 13.40
CA LYS A 257 12.06 16.52 13.82
C LYS A 257 12.35 17.47 12.65
N SER A 258 12.25 16.99 11.41
CA SER A 258 12.59 17.85 10.28
C SER A 258 11.47 18.84 10.08
N SER A 259 11.76 19.98 9.44
CA SER A 259 10.71 20.97 9.09
C SER A 259 10.06 20.67 7.72
N ASP A 260 10.60 19.69 7.01
CA ASP A 260 10.07 19.30 5.72
C ASP A 260 9.13 18.13 5.91
N PRO A 261 7.82 18.35 5.63
CA PRO A 261 6.75 17.39 5.91
C PRO A 261 6.97 16.03 5.25
N LEU A 262 7.62 16.01 4.09
CA LEU A 262 7.99 14.76 3.45
C LEU A 262 8.89 13.99 4.41
N MET A 263 9.84 14.72 5.01
CA MET A 263 10.81 14.06 5.89
C MET A 263 10.10 13.44 7.09
N ILE A 264 9.27 14.23 7.75
CA ILE A 264 8.50 13.78 8.88
C ILE A 264 7.73 12.53 8.51
N GLY A 265 7.02 12.57 7.37
CA GLY A 265 6.30 11.40 6.91
C GLY A 265 7.17 10.17 6.80
N ILE A 266 8.34 10.29 6.17
CA ILE A 266 9.24 9.14 6.12
C ILE A 266 9.55 8.63 7.52
N GLY A 267 9.79 9.58 8.41
CA GLY A 267 10.14 9.29 9.78
C GLY A 267 9.06 8.42 10.38
N LEU A 268 7.81 8.84 10.18
CA LEU A 268 6.65 8.14 10.72
C LEU A 268 6.40 6.79 10.05
N ILE A 269 6.76 6.63 8.78
CA ILE A 269 6.61 5.32 8.15
C ILE A 269 7.52 4.41 8.92
N GLY A 270 8.78 4.82 9.08
CA GLY A 270 9.71 4.04 9.88
C GLY A 270 9.34 3.82 11.34
N MET A 271 8.66 4.76 11.96
CA MET A 271 8.51 4.64 13.40
C MET A 271 7.18 4.04 13.78
N THR A 272 6.23 4.04 12.86
CA THR A 272 4.90 3.49 13.12
C THR A 272 4.53 2.34 12.18
N GLY A 273 5.22 2.26 11.03
CA GLY A 273 5.05 1.14 10.13
C GLY A 273 3.80 1.27 9.28
N ARG A 274 3.12 2.39 9.41
CA ARG A 274 1.97 2.62 8.56
C ARG A 274 2.42 2.81 7.12
N ARG A 275 1.56 2.44 6.17
CA ARG A 275 1.82 2.63 4.75
C ARG A 275 1.93 4.11 4.43
N PRO A 276 2.74 4.48 3.42
CA PRO A 276 2.86 5.86 2.94
C PRO A 276 1.52 6.52 2.78
N TYR A 277 0.62 5.85 2.08
CA TYR A 277 -0.68 6.46 1.77
C TYR A 277 -1.40 6.76 3.07
N GLU A 278 -1.19 5.90 4.06
CA GLU A 278 -1.78 6.09 5.37
C GLU A 278 -1.17 7.28 6.13
N VAL A 279 0.16 7.27 6.30
CA VAL A 279 0.86 8.36 6.99
C VAL A 279 0.46 9.70 6.38
N PHE A 280 0.69 9.82 5.08
CA PHE A 280 0.48 11.09 4.42
C PHE A 280 -0.99 11.50 4.29
N THR A 281 -1.90 10.57 3.97
CA THR A 281 -3.23 10.96 3.54
C THR A 281 -4.36 10.86 4.60
N GLN A 282 -4.29 9.89 5.50
CA GLN A 282 -5.53 9.55 6.21
C GLN A 282 -5.43 9.05 7.66
N ALA A 283 -4.22 8.78 8.13
CA ALA A 283 -3.96 8.28 9.48
C ALA A 283 -4.54 9.18 10.57
N GLU A 284 -5.15 8.58 11.59
CA GLU A 284 -5.43 9.30 12.83
C GLU A 284 -4.65 8.63 13.93
N PHE A 285 -3.84 9.42 14.62
CA PHE A 285 -3.03 8.90 15.71
C PHE A 285 -3.50 9.47 17.04
N SER A 286 -3.56 8.61 18.07
CA SER A 286 -4.02 9.01 19.39
C SER A 286 -3.10 8.43 20.45
N PRO A 287 -3.15 9.01 21.67
CA PRO A 287 -2.42 8.39 22.78
C PRO A 287 -3.14 7.09 23.16
N ALA A 288 -2.39 6.07 23.51
CA ALA A 288 -3.01 4.84 23.96
C ALA A 288 -2.90 4.75 25.47
N PRO A 289 -4.03 4.54 26.17
CA PRO A 289 -4.03 4.46 27.64
C PRO A 289 -3.37 3.18 28.14
N TYR A 290 -2.35 3.32 28.99
CA TYR A 290 -1.72 2.16 29.61
C TYR A 290 -2.04 2.13 31.09
N GLY A 291 -2.93 1.22 31.48
CA GLY A 291 -3.51 1.28 32.80
C GLY A 291 -4.11 2.67 32.94
N LYS A 292 -3.94 3.28 34.11
CA LYS A 292 -4.40 4.65 34.33
C LYS A 292 -3.28 5.66 34.05
N GLY A 293 -2.79 5.67 32.82
CA GLY A 293 -1.74 6.57 32.39
C GLY A 293 -1.72 6.53 30.88
N VAL A 294 -0.59 6.84 30.27
CA VAL A 294 -0.47 6.83 28.81
C VAL A 294 0.76 6.09 28.33
N SER A 295 0.58 5.16 27.39
CA SER A 295 1.65 4.29 26.90
C SER A 295 2.79 5.05 26.28
N LYS A 296 4.02 4.72 26.62
CA LYS A 296 5.10 5.38 25.92
C LYS A 296 5.63 4.63 24.69
N TRP A 297 5.18 3.40 24.47
CA TRP A 297 5.69 2.67 23.32
C TRP A 297 4.62 2.16 22.36
N SER A 298 3.38 2.58 22.60
CA SER A 298 2.28 2.30 21.68
C SER A 298 1.37 3.52 21.49
N ILE A 299 0.42 3.38 20.57
CA ILE A 299 -0.33 4.48 20.00
C ILE A 299 -1.70 3.95 19.59
N LEU A 300 -2.71 4.81 19.47
CA LEU A 300 -3.92 4.40 18.75
C LEU A 300 -3.85 4.81 17.27
N PHE A 301 -4.22 3.90 16.37
CA PHE A 301 -4.24 4.24 14.94
C PHE A 301 -5.55 3.88 14.26
N ASN A 302 -6.01 4.77 13.39
CA ASN A 302 -7.30 4.61 12.70
C ASN A 302 -7.14 5.02 11.26
N GLY A 303 -7.88 4.42 10.34
CA GLY A 303 -7.69 4.71 8.92
C GLY A 303 -6.82 3.76 8.10
N GLN A 304 -6.99 2.46 8.30
CA GLN A 304 -6.31 1.42 7.55
C GLN A 304 -6.62 1.47 6.02
N ALA A 305 -5.62 1.43 5.15
CA ALA A 305 -5.92 1.34 3.72
C ALA A 305 -6.05 -0.13 3.26
N LYS A 306 -6.47 -0.34 2.01
CA LYS A 306 -6.64 -1.70 1.48
C LYS A 306 -7.54 -2.55 2.36
N THR A 307 -8.79 -2.13 2.49
CA THR A 307 -9.76 -2.86 3.29
C THR A 307 -11.16 -2.27 3.06
N LYS A 308 -12.15 -3.11 2.84
CA LYS A 308 -13.51 -2.63 2.73
C LYS A 308 -14.28 -3.02 3.99
N GLN A 309 -15.40 -2.38 4.22
CA GLN A 309 -16.22 -2.69 5.37
C GLN A 309 -16.31 -4.21 5.57
N GLY A 310 -16.27 -4.68 6.81
CA GLY A 310 -16.46 -6.10 7.05
C GLY A 310 -16.16 -6.63 8.43
N GLU A 311 -16.80 -7.74 8.78
CA GLU A 311 -16.50 -8.45 10.02
C GLU A 311 -15.03 -8.83 10.03
N GLY A 312 -14.37 -8.62 11.17
CA GLY A 312 -12.97 -8.97 11.30
C GLY A 312 -12.08 -8.23 10.31
N THR A 313 -12.31 -6.94 10.21
CA THR A 313 -11.60 -6.08 9.29
C THR A 313 -11.36 -4.78 10.02
N LYS A 314 -10.24 -4.13 9.76
CA LYS A 314 -9.88 -2.92 10.50
C LYS A 314 -10.35 -1.65 9.78
N PHE A 315 -11.19 -1.84 8.76
CA PHE A 315 -11.83 -0.70 8.12
C PHE A 315 -12.61 0.11 9.17
N GLY A 316 -12.15 1.33 9.42
CA GLY A 316 -12.81 2.22 10.34
C GLY A 316 -12.58 1.85 11.80
N ILE A 317 -11.61 0.99 12.04
CA ILE A 317 -11.32 0.57 13.40
C ILE A 317 -10.09 1.25 13.92
N THR A 318 -10.15 1.74 15.15
CA THR A 318 -8.94 2.24 15.78
C THR A 318 -8.33 1.16 16.64
N TYR A 319 -7.08 0.81 16.34
CA TYR A 319 -6.41 -0.21 17.11
C TYR A 319 -5.04 0.24 17.56
N GLU A 320 -4.57 -0.39 18.62
CA GLU A 320 -3.31 -0.02 19.22
C GLU A 320 -2.17 -0.64 18.43
N ILE A 321 -1.14 0.15 18.18
CA ILE A 321 0.05 -0.35 17.50
C ILE A 321 1.34 0.09 18.21
N PRO A 322 2.39 -0.73 18.12
CA PRO A 322 3.65 -0.37 18.77
C PRO A 322 4.40 0.69 17.96
N VAL A 323 5.12 1.57 18.65
CA VAL A 323 5.97 2.54 17.97
C VAL A 323 7.42 2.35 18.38
N LEU A 324 8.34 2.63 17.47
CA LEU A 324 9.75 2.38 17.70
C LEU A 324 10.51 3.57 18.35
N THR A 325 9.78 4.60 18.76
CA THR A 325 10.32 5.62 19.65
C THR A 325 9.18 6.16 20.50
N ARG A 326 9.48 7.07 21.41
CA ARG A 326 8.51 7.50 22.39
C ARG A 326 7.22 8.01 21.72
N SER A 327 6.07 7.66 22.31
CA SER A 327 4.78 8.01 21.74
C SER A 327 4.54 9.54 21.66
N GLU A 328 4.97 10.27 22.69
CA GLU A 328 4.92 11.74 22.71
C GLU A 328 5.53 12.31 21.44
N THR A 329 6.74 11.83 21.16
CA THR A 329 7.46 12.28 19.99
C THR A 329 6.68 12.00 18.68
N VAL A 330 6.20 10.77 18.52
CA VAL A 330 5.48 10.40 17.30
C VAL A 330 4.23 11.24 17.10
N LEU A 331 3.41 11.33 18.15
CA LEU A 331 2.20 12.14 18.09
C LEU A 331 2.48 13.60 17.73
N ALA A 332 3.47 14.20 18.39
CA ALA A 332 3.82 15.61 18.14
C ALA A 332 4.28 15.82 16.69
N ALA A 333 5.14 14.92 16.21
CA ALA A 333 5.60 15.01 14.83
C ALA A 333 4.43 14.87 13.86
N TYR A 334 3.45 14.07 14.24
CA TYR A 334 2.25 13.88 13.41
C TYR A 334 1.39 15.13 13.35
N LYS A 335 1.25 15.82 14.48
CA LYS A 335 0.51 17.07 14.50
C LYS A 335 1.19 18.11 13.63
N ARG A 336 2.53 18.14 13.72
CA ARG A 336 3.29 19.01 12.84
C ARG A 336 2.98 18.65 11.38
N LEU A 337 2.94 17.36 11.10
CA LEU A 337 2.61 16.90 9.76
C LEU A 337 1.23 17.39 9.32
N ARG A 338 0.24 17.22 10.20
CA ARG A 338 -1.15 17.51 9.90
C ARG A 338 -1.42 19.01 9.78
N GLU A 339 -0.53 19.84 10.30
CA GLU A 339 -0.77 21.28 10.20
C GLU A 339 0.02 22.02 9.10
N SER A 340 1.04 21.37 8.55
CA SER A 340 1.88 21.99 7.53
C SER A 340 1.11 22.33 6.26
N GLY A 341 1.76 23.06 5.37
CA GLY A 341 1.15 23.40 4.10
C GLY A 341 0.86 22.14 3.31
N GLN A 342 1.89 21.32 3.09
CA GLN A 342 1.76 20.14 2.23
C GLN A 342 0.77 19.17 2.83
N GLY A 343 0.69 19.18 4.16
CA GLY A 343 -0.12 18.22 4.86
C GLY A 343 -1.61 18.46 4.70
N LYS A 344 -2.01 19.71 4.67
CA LYS A 344 -3.41 20.03 4.45
C LYS A 344 -3.83 19.65 3.03
N LEU A 345 -2.87 19.69 2.11
CA LEU A 345 -3.16 19.32 0.72
C LEU A 345 -3.30 17.81 0.61
N TRP A 346 -2.39 17.11 1.31
CA TRP A 346 -2.35 15.65 1.33
C TRP A 346 -3.58 15.01 1.93
N HIS A 347 -4.13 15.64 2.95
CA HIS A 347 -5.25 15.10 3.70
C HIS A 347 -6.44 14.72 2.83
N GLY A 348 -6.84 13.46 2.89
CA GLY A 348 -8.01 12.98 2.17
C GLY A 348 -7.81 12.78 0.67
N MET A 349 -6.57 12.85 0.18
CA MET A 349 -6.33 12.57 -1.24
C MET A 349 -6.75 11.16 -1.63
N SER A 350 -7.06 10.99 -2.90
CA SER A 350 -7.27 9.66 -3.48
C SER A 350 -5.91 9.07 -3.76
N ILE A 351 -5.86 7.77 -3.97
CA ILE A 351 -4.57 7.12 -4.17
C ILE A 351 -3.89 7.61 -5.45
N ASP A 352 -4.69 7.96 -6.47
CA ASP A 352 -4.12 8.47 -7.71
C ASP A 352 -3.52 9.86 -7.52
N ASP A 353 -4.26 10.72 -6.83
CA ASP A 353 -3.77 12.06 -6.52
C ASP A 353 -2.41 11.96 -5.80
N PHE A 354 -2.43 11.30 -4.64
CA PHE A 354 -1.24 11.08 -3.83
C PHE A 354 -0.06 10.49 -4.63
N SER A 355 -0.34 9.46 -5.42
CA SER A 355 0.69 8.81 -6.21
C SER A 355 1.35 9.81 -7.17
N SER A 356 0.52 10.55 -7.87
CA SER A 356 0.93 11.56 -8.83
C SER A 356 1.74 12.66 -8.22
N GLU A 357 1.27 13.18 -7.12
CA GLU A 357 1.94 14.25 -6.45
C GLU A 357 3.22 13.90 -5.70
N THR A 358 3.32 12.72 -5.10
CA THR A 358 4.48 12.41 -4.26
C THR A 358 5.38 11.24 -4.66
N ARG A 359 4.80 10.23 -5.24
CA ARG A 359 5.52 8.97 -5.32
C ARG A 359 6.99 9.09 -5.67
N LEU A 360 7.32 9.81 -6.75
CA LEU A 360 8.68 9.80 -7.28
C LEU A 360 9.63 10.61 -6.40
N LEU A 361 9.07 11.62 -5.75
CA LEU A 361 9.85 12.42 -4.82
C LEU A 361 10.14 11.62 -3.57
N LEU A 362 9.13 10.92 -3.06
CA LEU A 362 9.29 10.05 -1.91
C LEU A 362 10.32 8.97 -2.21
N ARG A 363 10.19 8.37 -3.37
CA ARG A 363 11.12 7.34 -3.81
C ARG A 363 12.55 7.87 -3.85
N ASP A 364 12.76 9.02 -4.48
CA ASP A 364 14.10 9.59 -4.53
C ASP A 364 14.69 9.97 -3.17
N THR A 365 13.87 10.58 -2.33
CA THR A 365 14.31 10.97 -0.99
C THR A 365 14.69 9.74 -0.19
N VAL A 366 13.83 8.71 -0.21
CA VAL A 366 14.13 7.50 0.56
C VAL A 366 15.40 6.87 0.03
N PHE A 367 15.59 6.91 -1.29
CA PHE A 367 16.78 6.27 -1.82
C PHE A 367 18.03 6.97 -1.37
N ASN A 368 18.01 8.30 -1.44
CA ASN A 368 19.16 9.14 -1.05
C ASN A 368 19.49 9.04 0.44
N LEU A 369 18.46 9.17 1.26
CA LEU A 369 18.56 9.13 2.68
C LEU A 369 19.17 7.82 3.20
N PHE A 370 18.98 6.72 2.48
CA PHE A 370 19.37 5.43 3.04
C PHE A 370 20.42 4.67 2.25
N GLU A 371 20.86 5.25 1.16
CA GLU A 371 21.73 4.58 0.21
C GLU A 371 22.91 3.83 0.83
N ASP A 372 23.59 4.47 1.78
CA ASP A 372 24.87 3.93 2.25
C ASP A 372 24.74 2.85 3.32
N VAL A 373 23.58 2.77 3.96
CA VAL A 373 23.41 1.89 5.09
C VAL A 373 22.50 0.68 4.81
N TRP A 374 21.61 0.82 3.82
CA TRP A 374 20.65 -0.24 3.50
C TRP A 374 21.35 -1.53 3.08
N PRO A 375 20.83 -2.68 3.52
CA PRO A 375 21.49 -3.95 3.19
C PRO A 375 21.86 -4.06 1.73
N LYS A 376 23.01 -4.69 1.45
CA LYS A 376 23.59 -4.73 0.10
C LYS A 376 22.75 -5.47 -0.92
N GLU A 377 21.87 -6.37 -0.45
CA GLU A 377 21.10 -7.23 -1.33
C GLU A 377 19.98 -6.50 -2.07
N GLU A 378 19.53 -5.36 -1.51
CA GLU A 378 18.42 -4.63 -2.11
C GLU A 378 18.60 -3.11 -2.02
N LEU A 379 17.76 -2.37 -2.73
CA LEU A 379 17.78 -0.91 -2.68
C LEU A 379 16.72 -0.39 -1.71
N PRO A 380 16.98 0.76 -1.08
CA PRO A 380 16.05 1.39 -0.14
C PRO A 380 14.76 1.83 -0.81
N LYS A 381 13.65 1.20 -0.50
CA LYS A 381 12.36 1.68 -0.95
C LYS A 381 11.50 1.90 0.28
N PRO A 382 10.56 2.84 0.20
CA PRO A 382 9.73 3.18 1.36
C PRO A 382 9.06 1.99 2.10
N TYR A 383 8.45 1.02 1.42
CA TYR A 383 7.87 -0.16 2.12
C TYR A 383 8.88 -0.98 2.93
N GLY A 384 10.15 -0.83 2.54
CA GLY A 384 11.27 -1.37 3.30
C GLY A 384 11.09 -1.01 4.76
N LEU A 385 10.74 0.24 5.00
CA LEU A 385 10.54 0.73 6.35
C LEU A 385 9.47 -0.07 7.10
N ARG A 386 8.38 -0.42 6.41
CA ARG A 386 7.25 -1.15 7.05
C ARG A 386 7.65 -2.59 7.38
N HIS A 387 8.31 -3.26 6.42
CA HIS A 387 8.89 -4.57 6.68
C HIS A 387 9.84 -4.61 7.91
N LEU A 388 10.85 -3.73 7.89
CA LEU A 388 11.76 -3.61 9.04
C LEU A 388 10.99 -3.31 10.31
N TYR A 389 9.96 -2.48 10.22
CA TYR A 389 9.22 -2.09 11.42
C TYR A 389 8.57 -3.31 12.05
N ALA A 390 8.04 -4.19 11.20
CA ALA A 390 7.36 -5.35 11.73
C ALA A 390 8.42 -6.17 12.46
N GLU A 391 9.54 -6.38 11.77
CA GLU A 391 10.58 -7.24 12.31
C GLU A 391 11.05 -6.72 13.67
N VAL A 392 11.28 -5.42 13.74
CA VAL A 392 11.88 -4.84 14.93
C VAL A 392 10.85 -4.84 16.03
N ALA A 393 9.61 -4.53 15.69
CA ALA A 393 8.55 -4.46 16.69
C ALA A 393 8.35 -5.82 17.33
N TYR A 394 8.37 -6.85 16.49
CA TYR A 394 8.23 -8.21 16.98
C TYR A 394 9.39 -8.47 17.93
N HIS A 395 10.62 -8.45 17.39
CA HIS A 395 11.81 -8.59 18.22
C HIS A 395 11.77 -7.84 19.57
N ASN A 396 11.17 -6.66 19.64
CA ASN A 396 11.14 -5.91 20.91
C ASN A 396 9.89 -6.06 21.78
N PHE A 397 8.76 -6.44 21.18
CA PHE A 397 7.48 -6.27 21.89
C PHE A 397 6.59 -7.51 21.98
N ALA A 398 6.81 -8.49 21.11
CA ALA A 398 5.89 -9.62 21.05
C ALA A 398 5.82 -10.43 22.34
N PRO A 399 4.62 -10.51 22.93
CA PRO A 399 4.37 -11.37 24.10
C PRO A 399 4.61 -12.83 23.69
N PRO A 400 4.75 -13.74 24.67
CA PRO A 400 5.18 -15.09 24.32
C PRO A 400 4.11 -16.06 23.83
N HIS A 401 2.84 -15.77 24.06
CA HIS A 401 1.77 -16.68 23.68
C HIS A 401 1.28 -16.43 22.25
N VAL A 402 1.81 -15.41 21.61
CA VAL A 402 1.45 -15.11 20.22
C VAL A 402 2.58 -15.52 19.26
N THR A 403 2.25 -15.87 18.02
CA THR A 403 3.24 -16.25 17.05
C THR A 403 3.71 -15.05 16.21
N LYS A 404 4.80 -15.22 15.47
CA LYS A 404 5.28 -14.11 14.68
C LYS A 404 4.22 -13.76 13.61
N ASN A 405 3.67 -14.77 12.94
CA ASN A 405 2.64 -14.55 11.89
C ASN A 405 1.51 -13.81 12.53
N SER A 406 1.08 -14.29 13.70
CA SER A 406 0.01 -13.61 14.37
C SER A 406 0.39 -12.18 14.74
N TYR A 407 1.58 -11.97 15.29
CA TYR A 407 1.98 -10.64 15.76
C TYR A 407 1.95 -9.63 14.64
N PHE A 408 2.65 -9.94 13.56
CA PHE A 408 2.60 -9.15 12.36
C PHE A 408 1.16 -8.87 11.96
N ALA A 409 0.36 -9.92 11.79
CA ALA A 409 -0.98 -9.70 11.24
C ALA A 409 -1.74 -8.72 12.14
N ALA A 410 -1.55 -8.85 13.44
CA ALA A 410 -2.10 -7.92 14.40
C ALA A 410 -1.60 -6.46 14.21
N ILE A 411 -0.30 -6.23 14.19
CA ILE A 411 0.17 -4.84 14.17
C ILE A 411 0.12 -4.22 12.79
N LEU A 412 0.11 -5.06 11.75
CA LEU A 412 -0.09 -4.54 10.39
C LEU A 412 -1.54 -4.26 9.96
N GLY A 413 -2.49 -4.67 10.82
CA GLY A 413 -3.89 -4.37 10.56
C GLY A 413 -4.55 -5.34 9.59
N HIS A 414 -3.95 -6.53 9.41
CA HIS A 414 -4.52 -7.55 8.55
C HIS A 414 -5.85 -8.08 9.05
N ASN A 415 -6.64 -8.68 8.15
CA ASN A 415 -7.98 -9.14 8.53
C ASN A 415 -7.99 -10.23 9.56
N ASN A 416 -9.14 -10.43 10.20
CA ASN A 416 -9.26 -11.56 11.09
C ASN A 416 -9.10 -12.90 10.39
N ASN A 417 -8.28 -13.73 11.00
CA ASN A 417 -7.98 -15.07 10.52
C ASN A 417 -7.04 -15.05 9.32
N ASP A 418 -6.55 -13.88 8.95
CA ASP A 418 -5.53 -13.83 7.88
C ASP A 418 -4.13 -13.88 8.46
N LEU A 419 -3.47 -15.03 8.34
CA LEU A 419 -2.07 -15.14 8.72
C LEU A 419 -1.16 -15.26 7.51
N GLU A 420 -1.75 -15.24 6.33
CA GLU A 420 -1.00 -15.47 5.11
C GLU A 420 -0.35 -14.17 4.58
N THR A 421 -1.03 -13.05 4.70
CA THR A 421 -0.42 -11.80 4.27
C THR A 421 0.88 -11.56 5.04
N SER A 422 0.86 -11.88 6.33
CA SER A 422 2.04 -11.76 7.18
C SER A 422 3.30 -12.41 6.55
N LEU A 423 3.14 -13.45 5.77
CA LEU A 423 4.29 -14.11 5.15
C LEU A 423 5.06 -13.17 4.21
N SER A 424 4.39 -12.16 3.65
CA SER A 424 5.09 -11.26 2.72
C SER A 424 6.17 -10.45 3.41
N PTR A 425 5.99 -10.25 4.72
CA PTR A 425 6.75 -9.22 5.44
C PTR A 425 8.00 -9.77 6.15
O PTR A 425 8.84 -9.09 6.75
CB PTR A 425 5.89 -8.48 6.49
CG PTR A 425 4.92 -7.56 5.78
CD1 PTR A 425 3.60 -7.93 5.58
CD2 PTR A 425 5.33 -6.27 5.32
CE1 PTR A 425 2.68 -7.07 4.94
CE2 PTR A 425 4.46 -5.40 4.66
CZ PTR A 425 3.12 -5.81 4.48
OH PTR A 425 2.25 -4.95 3.88
P PTR A 425 0.69 -5.19 3.63
O1P PTR A 425 -0.07 -5.41 4.84
O3P PTR A 425 0.34 -3.90 2.75
N MET A 426 8.12 -11.09 6.09
CA MET A 426 9.25 -11.71 6.69
C MET A 426 10.38 -11.64 5.69
N THR A 427 11.18 -10.57 5.83
CA THR A 427 12.12 -10.14 4.82
C THR A 427 13.59 -10.18 5.26
N TYR A 428 13.86 -9.66 6.45
CA TYR A 428 15.23 -9.58 6.99
C TYR A 428 15.44 -10.39 8.27
N THR A 429 16.71 -10.55 8.62
CA THR A 429 17.11 -11.00 9.94
C THR A 429 17.96 -9.92 10.60
N LEU A 430 17.54 -9.47 11.79
CA LEU A 430 18.33 -8.56 12.61
C LEU A 430 19.65 -9.23 12.93
N PRO A 431 20.76 -8.49 12.86
CA PRO A 431 22.09 -9.10 13.02
C PRO A 431 22.30 -9.68 14.43
N GLU A 432 21.45 -9.31 15.38
CA GLU A 432 21.57 -9.94 16.69
C GLU A 432 21.11 -11.40 16.60
N ASP A 433 19.97 -11.62 15.97
CA ASP A 433 19.43 -12.96 15.80
C ASP A 433 20.39 -13.78 15.00
N ARG A 434 21.01 -13.15 14.00
CA ARG A 434 21.95 -13.84 13.14
C ARG A 434 23.16 -14.24 13.95
N ASP A 435 23.58 -13.37 14.86
CA ASP A 435 24.68 -13.69 15.75
C ASP A 435 24.34 -14.88 16.64
N ASN A 436 23.29 -14.76 17.44
CA ASN A 436 23.03 -15.78 18.45
C ASN A 436 22.50 -17.12 17.91
N ALA A 437 21.98 -17.11 16.68
CA ALA A 437 21.68 -18.38 16.00
C ALA A 437 22.98 -19.03 15.58
N LEU A 438 23.95 -18.21 15.19
CA LEU A 438 25.25 -18.73 14.85
C LEU A 438 26.03 -19.14 16.10
N ALA A 439 25.44 -18.90 17.28
CA ALA A 439 26.03 -19.39 18.53
C ALA A 439 25.93 -20.92 18.59
N ARG A 440 24.91 -21.45 17.94
CA ARG A 440 24.64 -22.88 17.96
C ARG A 440 25.29 -23.61 16.81
C1 EDO D . 6.06 -12.08 -3.46
O1 EDO D . 5.55 -11.24 -4.49
C2 EDO D . 7.50 -11.71 -3.19
O2 EDO D . 7.65 -10.34 -2.88
C1 EDO E . 10.86 -4.69 1.37
O1 EDO E . 11.60 -5.88 1.15
C2 EDO E . 11.22 -3.74 0.24
O2 EDO E . 10.45 -2.57 0.36
O5' TMP F . -10.93 -8.21 -3.26
C5' TMP F . -10.02 -9.31 -3.21
C4' TMP F . -9.38 -9.54 -4.56
O4' TMP F . -7.99 -9.13 -4.53
C3' TMP F . -9.34 -11.01 -4.97
O3' TMP F . -9.10 -11.11 -6.36
C2' TMP F . -8.09 -11.44 -4.21
C1' TMP F . -7.17 -10.29 -4.62
N1 TMP F . -5.91 -10.23 -3.78
C2 TMP F . -5.79 -9.44 -2.64
O2 TMP F . -6.67 -8.70 -2.20
N3 TMP F . -4.57 -9.54 -2.02
C4 TMP F . -3.50 -10.33 -2.39
O4 TMP F . -2.45 -10.36 -1.76
C5 TMP F . -3.70 -11.13 -3.58
C5M TMP F . -2.62 -12.02 -4.10
C6 TMP F . -4.88 -11.04 -4.20
C1 EDO G . -7.66 -0.52 -8.17
O1 EDO G . -8.20 0.46 -7.26
C2 EDO G . -6.63 0.05 -9.12
O2 EDO G . -6.93 -0.23 -10.49
#